data_1C0Y
#
_entry.id   1C0Y
#
_cell.length_a   1.000
_cell.length_b   1.000
_cell.length_c   1.000
_cell.angle_alpha   90.00
_cell.angle_beta   90.00
_cell.angle_gamma   90.00
#
_symmetry.space_group_name_H-M   'P 1'
#
loop_
_entity.id
_entity.type
_entity.pdbx_description
1 polymer "DNA (5'-D(*AP*AP*CP*GP*CP*TP*AP*CP*CP*AP*TP*CP*C)-3')"
2 polymer "DNA (5'-D(*GP*GP*AP*TP*GP*GP*TP*AP*GP*C)-3')"
3 non-polymer 2-AMINOFLUORENE
#
loop_
_entity_poly.entity_id
_entity_poly.type
_entity_poly.pdbx_seq_one_letter_code
_entity_poly.pdbx_strand_id
1 'polydeoxyribonucleotide' (DA)(DA)(DC)(DG)(DC)(DT)(DA)(DC)(DC)(DA)(DT)(DC)(DC) A
2 'polydeoxyribonucleotide' (DG)(DG)(DA)(DT)(DG)(DG)(DT)(DA)(DG)(DC) B
#